data_8Q7I
#
_entry.id   8Q7I
#
_cell.length_a   87.354
_cell.length_b   87.354
_cell.length_c   214.333
_cell.angle_alpha   90.00
_cell.angle_beta   90.00
_cell.angle_gamma   120.00
#
_symmetry.space_group_name_H-M   'H 3 2'
#
loop_
_entity.id
_entity.type
_entity.pdbx_description
1 polymer 'Proliferating cell nuclear antigen'
2 polymer 'Flap endonuclease 1'
3 non-polymer 'SODIUM ION'
4 water water
#
loop_
_entity_poly.entity_id
_entity_poly.type
_entity_poly.pdbx_seq_one_letter_code
_entity_poly.pdbx_strand_id
1 'polypeptide(L)'
;GAMALEARLEQASILKKVVDAIKDLVQDCNFDCNDSGIALQAMDNSHVALVSMMLKAEGFSPYRCDRNIALGVNLTSLTK
VLRAAQNEDILTLKAEDAPDVLNLVFESSETDRISEYDLKLMDIDQEHLGIPETEYAATITMPSNEFKRITTDLMAMSES
VTIEANKDGVKFSCQGDIGNGSVTLRQHTNVEKPNESIEIELSEPVSLTFSLKYLVNFCKASALSNTVKICLSNEVPLLV
EYSLGGSSYLRFYLAPKIGDDE
;
A
2 'polypeptide(L)' GAQQARIEGFFKVIP P
#
loop_
_chem_comp.id
_chem_comp.type
_chem_comp.name
_chem_comp.formula
NA non-polymer 'SODIUM ION' 'Na 1'
#
# COMPACT_ATOMS: atom_id res chain seq x y z
N ALA A 2 -1.55 2.01 32.69
CA ALA A 2 -1.46 2.69 31.36
C ALA A 2 -0.65 1.84 30.39
N MET A 3 -1.32 1.33 29.35
CA MET A 3 -0.70 0.40 28.41
C MET A 3 0.43 1.09 27.64
N ALA A 4 1.38 0.28 27.13
CA ALA A 4 2.52 0.74 26.37
C ALA A 4 2.11 1.50 25.11
N LEU A 5 1.15 0.96 24.33
CA LEU A 5 0.66 1.63 23.13
C LEU A 5 -0.75 2.17 23.37
N GLU A 6 -0.97 3.41 22.96
CA GLU A 6 -2.30 3.99 22.93
C GLU A 6 -2.33 5.02 21.78
N ALA A 7 -3.07 4.70 20.72
CA ALA A 7 -3.05 5.48 19.49
C ALA A 7 -4.48 5.76 19.07
N ARG A 8 -4.81 7.04 18.94
CA ARG A 8 -6.19 7.43 18.70
C ARG A 8 -6.29 8.04 17.32
N LEU A 9 -7.24 7.53 16.51
CA LEU A 9 -7.61 8.15 15.24
C LEU A 9 -8.95 8.87 15.42
N GLU A 10 -9.02 10.09 14.91
CA GLU A 10 -10.21 10.91 14.97
CA GLU A 10 -10.24 10.87 15.02
C GLU A 10 -11.32 10.25 14.15
N GLN A 11 -10.91 9.54 13.10
CA GLN A 11 -11.80 8.79 12.22
C GLN A 11 -11.17 7.45 11.88
N ALA A 12 -11.97 6.38 12.02
CA ALA A 12 -11.53 5.02 11.75
C ALA A 12 -11.21 4.81 10.27
N SER A 13 -11.85 5.60 9.40
CA SER A 13 -11.77 5.47 7.95
C SER A 13 -10.36 5.12 7.46
N ILE A 14 -9.33 5.88 7.88
CA ILE A 14 -8.01 5.69 7.31
C ILE A 14 -7.50 4.28 7.58
N LEU A 15 -7.71 3.76 8.80
CA LEU A 15 -7.21 2.43 9.12
C LEU A 15 -8.02 1.37 8.38
N LYS A 16 -9.34 1.57 8.28
CA LYS A 16 -10.15 0.64 7.51
C LYS A 16 -9.60 0.56 6.09
N LYS A 17 -9.27 1.72 5.50
CA LYS A 17 -8.92 1.76 4.09
C LYS A 17 -7.53 1.18 3.88
N VAL A 18 -6.61 1.42 4.82
CA VAL A 18 -5.27 0.87 4.72
C VAL A 18 -5.34 -0.65 4.76
N VAL A 19 -6.11 -1.22 5.70
CA VAL A 19 -6.16 -2.68 5.79
C VAL A 19 -6.84 -3.27 4.57
N ASP A 20 -7.89 -2.59 4.08
CA ASP A 20 -8.61 -3.05 2.90
CA ASP A 20 -8.60 -3.05 2.89
C ASP A 20 -7.65 -3.08 1.70
N ALA A 21 -6.67 -2.18 1.68
CA ALA A 21 -5.75 -2.08 0.57
C ALA A 21 -4.67 -3.17 0.61
N ILE A 22 -4.53 -3.90 1.73
CA ILE A 22 -3.43 -4.84 1.87
CA ILE A 22 -3.43 -4.83 1.91
C ILE A 22 -3.93 -6.27 2.10
N LYS A 23 -5.17 -6.44 2.58
CA LYS A 23 -5.63 -7.74 3.06
C LYS A 23 -5.72 -8.79 1.95
N ASP A 24 -5.90 -8.40 0.68
CA ASP A 24 -5.97 -9.39 -0.38
C ASP A 24 -4.55 -9.88 -0.74
N LEU A 25 -3.52 -9.18 -0.26
CA LEU A 25 -2.14 -9.55 -0.56
C LEU A 25 -1.45 -10.27 0.59
N VAL A 26 -1.81 -9.91 1.84
CA VAL A 26 -1.05 -10.33 3.01
C VAL A 26 -1.99 -11.08 3.96
N GLN A 27 -1.61 -12.29 4.34
CA GLN A 27 -2.42 -13.11 5.20
C GLN A 27 -2.22 -12.65 6.63
N ASP A 28 -0.94 -12.61 7.06
CA ASP A 28 -0.57 -12.23 8.42
CA ASP A 28 -0.63 -12.14 8.40
C ASP A 28 0.65 -11.33 8.36
N CYS A 29 0.81 -10.45 9.36
CA CYS A 29 1.94 -9.55 9.42
C CYS A 29 2.05 -8.92 10.80
N ASN A 30 3.19 -8.29 11.04
CA ASN A 30 3.40 -7.48 12.23
C ASN A 30 3.09 -6.03 11.90
N PHE A 31 2.39 -5.37 12.82
CA PHE A 31 2.38 -3.92 12.88
C PHE A 31 3.46 -3.53 13.89
N ASP A 32 4.50 -2.87 13.38
CA ASP A 32 5.61 -2.42 14.21
C ASP A 32 5.31 -1.01 14.73
N CYS A 33 5.17 -0.90 16.04
CA CYS A 33 4.82 0.36 16.66
C CYS A 33 6.04 0.90 17.41
N ASN A 34 6.38 2.17 17.14
CA ASN A 34 7.47 2.82 17.85
C ASN A 34 7.12 4.31 18.00
N ASP A 35 8.11 5.11 18.41
CA ASP A 35 7.91 6.53 18.62
C ASP A 35 7.39 7.23 17.37
N SER A 36 7.85 6.79 16.19
CA SER A 36 7.57 7.48 14.93
C SER A 36 6.17 7.18 14.39
N GLY A 37 5.61 6.03 14.76
CA GLY A 37 4.27 5.64 14.32
C GLY A 37 4.10 4.13 14.21
N ILE A 38 3.08 3.74 13.44
CA ILE A 38 2.74 2.35 13.21
C ILE A 38 3.13 2.00 11.78
N ALA A 39 4.06 1.05 11.66
CA ALA A 39 4.56 0.62 10.36
C ALA A 39 4.23 -0.84 10.12
N LEU A 40 4.27 -1.21 8.83
CA LEU A 40 4.07 -2.58 8.42
C LEU A 40 4.99 -2.83 7.22
N GLN A 41 5.68 -3.96 7.23
CA GLN A 41 6.36 -4.45 6.04
C GLN A 41 6.04 -5.93 5.92
N ALA A 42 5.55 -6.33 4.74
CA ALA A 42 5.27 -7.74 4.55
C ALA A 42 5.35 -8.07 3.07
N MET A 43 5.90 -9.25 2.77
CA MET A 43 5.77 -9.79 1.43
C MET A 43 4.34 -10.26 1.24
N ASP A 44 3.87 -10.24 -0.02
CA ASP A 44 2.57 -10.80 -0.29
C ASP A 44 2.68 -12.32 -0.18
N ASN A 45 1.52 -12.97 -0.13
CA ASN A 45 1.43 -14.41 0.10
C ASN A 45 2.32 -15.17 -0.89
N SER A 46 2.40 -14.68 -2.13
CA SER A 46 3.07 -15.40 -3.19
C SER A 46 4.52 -14.94 -3.42
N HIS A 47 5.00 -14.01 -2.58
CA HIS A 47 6.39 -13.57 -2.60
C HIS A 47 6.80 -12.96 -3.94
N VAL A 48 5.90 -12.17 -4.53
CA VAL A 48 6.17 -11.42 -5.76
C VAL A 48 6.23 -9.93 -5.44
N ALA A 49 5.68 -9.53 -4.28
CA ALA A 49 5.57 -8.13 -3.95
C ALA A 49 5.91 -7.88 -2.49
N LEU A 50 6.32 -6.64 -2.20
CA LEU A 50 6.55 -6.18 -0.86
C LEU A 50 5.61 -5.02 -0.57
N VAL A 51 4.93 -5.10 0.57
CA VAL A 51 4.06 -4.04 1.07
C VAL A 51 4.81 -3.28 2.16
N SER A 52 4.85 -1.95 2.03
CA SER A 52 5.55 -1.10 2.97
C SER A 52 4.65 0.06 3.36
N MET A 53 4.31 0.17 4.65
CA MET A 53 3.33 1.12 5.10
C MET A 53 3.84 1.85 6.33
N MET A 54 3.53 3.15 6.43
CA MET A 54 3.79 3.87 7.66
C MET A 54 2.66 4.85 7.94
N LEU A 55 2.02 4.70 9.11
CA LEU A 55 1.16 5.72 9.66
C LEU A 55 1.92 6.47 10.75
N LYS A 56 2.37 7.67 10.42
CA LYS A 56 3.16 8.50 11.32
C LYS A 56 2.33 8.94 12.52
N ALA A 57 3.01 9.11 13.66
CA ALA A 57 2.41 9.53 14.90
C ALA A 57 1.53 10.77 14.69
N GLU A 58 1.97 11.65 13.80
CA GLU A 58 1.31 12.91 13.55
C GLU A 58 -0.10 12.72 13.01
N GLY A 59 -0.37 11.57 12.39
CA GLY A 59 -1.71 11.29 11.85
C GLY A 59 -2.73 10.90 12.91
N PHE A 60 -2.25 10.65 14.14
CA PHE A 60 -3.07 10.27 15.27
C PHE A 60 -3.36 11.50 16.12
N SER A 61 -4.25 11.36 17.11
CA SER A 61 -4.66 12.49 17.93
C SER A 61 -5.17 12.04 19.30
N PRO A 62 -4.29 11.68 20.28
CA PRO A 62 -2.84 11.63 20.11
C PRO A 62 -2.28 10.23 19.90
N TYR A 63 -0.95 10.14 19.87
CA TYR A 63 -0.24 8.89 19.69
C TYR A 63 0.75 8.72 20.83
N ARG A 64 0.73 7.55 21.50
CA ARG A 64 1.70 7.24 22.52
C ARG A 64 2.18 5.81 22.33
N CYS A 65 3.49 5.62 22.30
CA CYS A 65 4.08 4.30 22.27
C CYS A 65 5.33 4.27 23.15
N ASP A 66 5.19 3.74 24.38
CA ASP A 66 6.22 3.89 25.41
C ASP A 66 7.45 3.06 25.08
N ARG A 67 7.22 1.88 24.50
CA ARG A 67 8.29 1.00 24.07
C ARG A 67 7.86 0.35 22.75
N ASN A 68 8.84 -0.08 21.95
CA ASN A 68 8.57 -0.70 20.66
C ASN A 68 7.75 -1.98 20.87
N ILE A 69 6.72 -2.14 20.03
CA ILE A 69 5.74 -3.20 20.14
C ILE A 69 5.52 -3.74 18.72
N ALA A 70 5.67 -5.07 18.54
CA ALA A 70 5.22 -5.75 17.33
C ALA A 70 3.85 -6.39 17.59
N LEU A 71 2.87 -6.03 16.77
CA LEU A 71 1.54 -6.60 16.89
C LEU A 71 1.34 -7.58 15.74
N GLY A 72 1.39 -8.88 16.05
CA GLY A 72 1.22 -9.91 15.05
C GLY A 72 -0.27 -10.22 14.85
N VAL A 73 -0.73 -10.06 13.61
CA VAL A 73 -2.14 -9.98 13.29
C VAL A 73 -2.42 -10.78 12.01
N ASN A 74 -3.49 -11.58 12.06
CA ASN A 74 -4.09 -12.13 10.87
C ASN A 74 -5.05 -11.08 10.30
N LEU A 75 -4.85 -10.69 9.05
CA LEU A 75 -5.59 -9.54 8.52
C LEU A 75 -7.07 -9.87 8.28
N THR A 76 -7.39 -11.12 7.98
CA THR A 76 -8.80 -11.53 7.91
C THR A 76 -9.46 -11.35 9.27
N SER A 77 -8.77 -11.76 10.34
CA SER A 77 -9.30 -11.57 11.68
C SER A 77 -9.47 -10.09 12.00
N LEU A 78 -8.46 -9.28 11.66
CA LEU A 78 -8.51 -7.85 11.92
C LEU A 78 -9.67 -7.23 11.15
N THR A 79 -9.92 -7.72 9.92
CA THR A 79 -10.98 -7.18 9.08
C THR A 79 -12.35 -7.43 9.72
N LYS A 80 -12.54 -8.59 10.35
CA LYS A 80 -13.78 -8.95 11.00
C LYS A 80 -14.11 -8.04 12.19
N VAL A 81 -13.08 -7.41 12.76
CA VAL A 81 -13.24 -6.44 13.84
C VAL A 81 -13.41 -5.03 13.27
N LEU A 82 -12.54 -4.65 12.31
CA LEU A 82 -12.55 -3.31 11.77
C LEU A 82 -13.86 -3.03 11.03
N ARG A 83 -14.48 -4.08 10.47
CA ARG A 83 -15.77 -3.91 9.81
C ARG A 83 -16.77 -3.24 10.76
N ALA A 84 -16.63 -3.51 12.06
CA ALA A 84 -17.56 -2.99 13.06
C ALA A 84 -17.40 -1.48 13.24
N ALA A 85 -16.21 -0.97 12.93
CA ALA A 85 -15.98 0.47 13.01
C ALA A 85 -16.64 1.16 11.82
N GLN A 86 -17.45 2.18 12.10
CA GLN A 86 -17.91 3.08 11.05
C GLN A 86 -16.76 4.01 10.68
N ASN A 87 -16.78 4.48 9.43
CA ASN A 87 -15.73 5.37 8.94
C ASN A 87 -15.58 6.57 9.87
N GLU A 88 -16.70 7.05 10.43
CA GLU A 88 -16.72 8.26 11.22
C GLU A 88 -16.58 7.98 12.73
N ASP A 89 -16.34 6.72 13.12
CA ASP A 89 -16.09 6.41 14.52
C ASP A 89 -14.71 6.95 14.94
N ILE A 90 -14.58 7.36 16.20
CA ILE A 90 -13.27 7.54 16.80
C ILE A 90 -12.74 6.14 17.09
N LEU A 91 -11.45 5.90 16.82
CA LEU A 91 -10.87 4.59 16.98
C LEU A 91 -9.58 4.71 17.80
N THR A 92 -9.48 3.86 18.84
CA THR A 92 -8.28 3.82 19.65
C THR A 92 -7.73 2.40 19.65
N LEU A 93 -6.42 2.29 19.38
CA LEU A 93 -5.67 1.06 19.52
C LEU A 93 -4.89 1.12 20.83
N LYS A 94 -4.98 0.06 21.63
CA LYS A 94 -4.16 -0.08 22.81
C LYS A 94 -3.55 -1.48 22.86
N ALA A 95 -2.35 -1.56 23.41
CA ALA A 95 -1.71 -2.84 23.63
C ALA A 95 -0.70 -2.72 24.77
N GLU A 96 -0.62 -3.77 25.58
CA GLU A 96 0.36 -3.89 26.64
C GLU A 96 1.71 -4.28 26.05
N ASP A 97 2.77 -4.25 26.87
CA ASP A 97 4.04 -4.87 26.49
C ASP A 97 3.86 -6.36 26.22
N ALA A 98 4.60 -6.84 25.21
CA ALA A 98 4.54 -8.23 24.74
C ALA A 98 3.10 -8.73 24.72
N PRO A 99 2.20 -8.07 23.97
CA PRO A 99 0.76 -8.26 24.17
C PRO A 99 0.22 -9.60 23.68
N ASP A 100 -0.91 -10.03 24.28
CA ASP A 100 -1.65 -11.20 23.82
C ASP A 100 -2.81 -10.79 22.92
N VAL A 101 -3.31 -9.56 23.11
CA VAL A 101 -4.40 -9.03 22.33
C VAL A 101 -4.08 -7.59 21.93
N LEU A 102 -4.71 -7.17 20.83
CA LEU A 102 -4.83 -5.77 20.49
C LEU A 102 -6.23 -5.32 20.92
N ASN A 103 -6.28 -4.26 21.72
CA ASN A 103 -7.53 -3.67 22.17
C ASN A 103 -7.95 -2.57 21.19
N LEU A 104 -9.14 -2.70 20.59
CA LEU A 104 -9.69 -1.70 19.68
C LEU A 104 -11.00 -1.18 20.26
N VAL A 105 -11.13 0.15 20.34
CA VAL A 105 -12.35 0.76 20.82
C VAL A 105 -12.86 1.72 19.74
N PHE A 106 -14.12 1.53 19.36
CA PHE A 106 -14.76 2.38 18.37
C PHE A 106 -15.90 3.15 19.04
N GLU A 107 -15.86 4.48 18.91
CA GLU A 107 -16.90 5.33 19.46
C GLU A 107 -17.70 5.95 18.32
N SER A 108 -18.99 5.60 18.28
CA SER A 108 -19.94 6.18 17.33
C SER A 108 -19.97 7.69 17.48
N SER A 109 -20.00 8.40 16.34
CA SER A 109 -20.22 9.83 16.35
C SER A 109 -21.69 10.14 16.12
N GLU A 110 -22.56 9.11 16.06
CA GLU A 110 -23.96 9.29 15.70
C GLU A 110 -24.89 9.03 16.89
N THR A 111 -24.52 8.10 17.78
CA THR A 111 -25.33 7.78 18.96
C THR A 111 -24.39 7.29 20.07
N ASP A 112 -24.93 6.99 21.25
CA ASP A 112 -24.08 6.62 22.37
C ASP A 112 -23.83 5.11 22.31
N ARG A 113 -22.91 4.75 21.41
CA ARG A 113 -22.53 3.37 21.16
C ARG A 113 -21.01 3.30 21.20
N ILE A 114 -20.47 2.37 22.00
CA ILE A 114 -19.04 2.12 22.02
C ILE A 114 -18.81 0.64 21.79
N SER A 115 -17.99 0.32 20.77
CA SER A 115 -17.63 -1.05 20.47
C SER A 115 -16.22 -1.29 21.01
N GLU A 116 -16.00 -2.46 21.64
CA GLU A 116 -14.69 -2.76 22.15
C GLU A 116 -14.33 -4.21 21.81
N TYR A 117 -13.16 -4.38 21.18
CA TYR A 117 -12.71 -5.69 20.76
C TYR A 117 -11.33 -5.98 21.34
N ASP A 118 -11.14 -7.23 21.76
CA ASP A 118 -9.83 -7.73 22.13
C ASP A 118 -9.46 -8.82 21.13
N LEU A 119 -8.66 -8.42 20.14
CA LEU A 119 -8.27 -9.25 19.04
C LEU A 119 -7.02 -10.04 19.44
N LYS A 120 -7.12 -11.38 19.39
CA LYS A 120 -5.99 -12.22 19.71
C LYS A 120 -4.89 -11.99 18.68
N LEU A 121 -3.66 -11.86 19.19
CA LEU A 121 -2.49 -11.68 18.35
C LEU A 121 -1.87 -13.05 18.09
N MET A 122 -0.95 -13.08 17.15
CA MET A 122 -0.21 -14.30 16.85
C MET A 122 1.28 -13.96 16.80
N ASP A 123 2.12 -14.99 16.93
CA ASP A 123 3.56 -14.86 16.81
C ASP A 123 3.94 -14.95 15.35
N ILE A 124 4.58 -13.89 14.85
CA ILE A 124 4.97 -13.81 13.47
C ILE A 124 6.47 -13.58 13.42
N ASP A 125 7.19 -14.56 12.86
CA ASP A 125 8.61 -14.46 12.59
C ASP A 125 8.77 -14.09 11.12
N GLN A 126 9.02 -12.80 10.85
CA GLN A 126 9.36 -12.34 9.51
C GLN A 126 10.56 -11.40 9.63
N GLU A 127 11.57 -11.62 8.78
CA GLU A 127 12.77 -10.81 8.76
C GLU A 127 12.48 -9.49 8.07
N HIS A 128 13.02 -8.38 8.62
CA HIS A 128 12.85 -7.06 8.03
C HIS A 128 13.80 -6.93 6.84
N LEU A 129 13.24 -6.47 5.70
CA LEU A 129 14.01 -6.29 4.47
C LEU A 129 14.41 -4.83 4.33
N GLY A 130 15.62 -4.63 3.81
CA GLY A 130 16.13 -3.29 3.57
C GLY A 130 15.66 -2.77 2.22
N ILE A 131 14.99 -1.63 2.23
CA ILE A 131 14.57 -1.02 0.98
C ILE A 131 15.63 0.00 0.62
N PRO A 132 16.43 -0.20 -0.45
CA PRO A 132 17.56 0.68 -0.72
C PRO A 132 17.10 1.99 -1.34
N GLU A 133 18.03 2.96 -1.34
CA GLU A 133 17.83 4.23 -2.00
C GLU A 133 17.96 3.99 -3.51
N THR A 134 16.92 4.35 -4.27
CA THR A 134 16.94 4.12 -5.71
C THR A 134 16.68 5.44 -6.43
N GLU A 135 17.53 5.71 -7.43
CA GLU A 135 17.28 6.78 -8.39
C GLU A 135 16.62 6.15 -9.61
N TYR A 136 15.32 6.37 -9.78
CA TYR A 136 14.58 5.67 -10.81
C TYR A 136 14.87 6.26 -12.18
N ALA A 137 14.89 5.38 -13.18
CA ALA A 137 15.03 5.78 -14.56
C ALA A 137 13.84 6.66 -14.99
N ALA A 138 12.64 6.33 -14.47
CA ALA A 138 11.46 7.10 -14.80
C ALA A 138 10.45 7.03 -13.66
N THR A 139 9.74 8.14 -13.42
CA THR A 139 8.56 8.09 -12.56
C THR A 139 7.41 8.80 -13.25
N ILE A 140 6.19 8.37 -12.93
CA ILE A 140 4.98 9.04 -13.38
C ILE A 140 4.03 9.16 -12.21
N THR A 141 3.54 10.38 -12.00
CA THR A 141 2.46 10.66 -11.07
C THR A 141 1.21 10.91 -11.91
N MET A 142 0.13 10.23 -11.54
CA MET A 142 -1.11 10.29 -12.30
C MET A 142 -2.30 10.09 -11.38
N PRO A 143 -3.52 10.45 -11.82
CA PRO A 143 -4.73 10.17 -11.06
C PRO A 143 -4.85 8.69 -10.71
N SER A 144 -5.18 8.42 -9.44
CA SER A 144 -5.24 7.06 -8.91
C SER A 144 -6.24 6.22 -9.68
N ASN A 145 -7.46 6.75 -9.85
CA ASN A 145 -8.52 5.96 -10.45
C ASN A 145 -8.20 5.65 -11.91
N GLU A 146 -7.46 6.54 -12.58
CA GLU A 146 -7.04 6.29 -13.96
C GLU A 146 -6.14 5.05 -13.98
N PHE A 147 -5.18 4.99 -13.05
CA PHE A 147 -4.27 3.85 -13.00
C PHE A 147 -5.08 2.57 -12.73
N LYS A 148 -6.08 2.67 -11.84
CA LYS A 148 -6.92 1.53 -11.50
C LYS A 148 -7.62 1.01 -12.76
N ARG A 149 -8.19 1.91 -13.56
CA ARG A 149 -8.97 1.49 -14.72
C ARG A 149 -8.06 0.89 -15.78
N ILE A 150 -6.93 1.55 -16.06
CA ILE A 150 -5.98 1.07 -17.04
C ILE A 150 -5.59 -0.37 -16.74
N THR A 151 -5.21 -0.65 -15.49
CA THR A 151 -4.69 -1.95 -15.13
C THR A 151 -5.81 -2.98 -15.13
N THR A 152 -6.97 -2.62 -14.58
CA THR A 152 -8.10 -3.54 -14.50
C THR A 152 -8.58 -3.87 -15.91
N ASP A 153 -8.68 -2.86 -16.79
CA ASP A 153 -9.20 -3.10 -18.12
C ASP A 153 -8.22 -3.91 -18.96
N LEU A 154 -6.90 -3.64 -18.84
CA LEU A 154 -5.91 -4.41 -19.58
C LEU A 154 -5.91 -5.86 -19.13
N MET A 155 -6.20 -6.09 -17.84
CA MET A 155 -6.13 -7.43 -17.28
C MET A 155 -7.19 -8.33 -17.91
N ALA A 156 -8.22 -7.72 -18.49
CA ALA A 156 -9.26 -8.46 -19.19
C ALA A 156 -8.73 -9.12 -20.46
N MET A 157 -7.63 -8.62 -21.04
CA MET A 157 -7.12 -9.18 -22.29
C MET A 157 -5.75 -9.84 -22.13
N SER A 158 -5.08 -9.67 -20.98
CA SER A 158 -3.73 -10.20 -20.80
C SER A 158 -3.40 -10.33 -19.32
N GLU A 159 -2.48 -11.27 -19.03
CA GLU A 159 -1.97 -11.42 -17.68
C GLU A 159 -0.78 -10.49 -17.45
N SER A 160 -0.12 -10.03 -18.53
CA SER A 160 1.12 -9.28 -18.43
C SER A 160 0.96 -7.90 -19.07
N VAL A 161 1.73 -6.92 -18.57
CA VAL A 161 1.78 -5.60 -19.17
C VAL A 161 3.24 -5.14 -19.22
N THR A 162 3.63 -4.59 -20.37
CA THR A 162 4.92 -3.97 -20.50
C THR A 162 4.73 -2.47 -20.28
N ILE A 163 5.60 -1.92 -19.41
CA ILE A 163 5.58 -0.50 -19.13
C ILE A 163 6.88 0.09 -19.66
N GLU A 164 6.76 1.04 -20.59
CA GLU A 164 7.88 1.73 -21.21
CA GLU A 164 7.89 1.72 -21.21
C GLU A 164 7.77 3.22 -20.96
N ALA A 165 8.86 3.83 -20.49
CA ALA A 165 8.93 5.27 -20.32
C ALA A 165 10.01 5.81 -21.24
N ASN A 166 9.68 6.86 -21.99
CA ASN A 166 10.61 7.55 -22.87
C ASN A 166 10.11 8.98 -23.09
N LYS A 167 10.72 9.68 -24.06
CA LYS A 167 10.38 11.07 -24.35
C LYS A 167 8.93 11.21 -24.80
N ASP A 168 8.33 10.13 -25.33
CA ASP A 168 6.97 10.20 -25.86
C ASP A 168 5.93 9.83 -24.79
N GLY A 169 6.36 9.60 -23.55
CA GLY A 169 5.45 9.38 -22.44
C GLY A 169 5.67 8.02 -21.80
N VAL A 170 4.65 7.53 -21.10
CA VAL A 170 4.65 6.22 -20.47
C VAL A 170 3.57 5.40 -21.15
N LYS A 171 3.97 4.26 -21.72
CA LYS A 171 3.03 3.39 -22.40
C LYS A 171 2.93 2.06 -21.65
N PHE A 172 1.69 1.67 -21.38
CA PHE A 172 1.34 0.35 -20.92
C PHE A 172 0.85 -0.46 -22.13
N SER A 173 1.52 -1.57 -22.45
CA SER A 173 1.09 -2.36 -23.59
C SER A 173 0.99 -3.85 -23.24
N CYS A 174 0.03 -4.50 -23.92
CA CYS A 174 -0.30 -5.90 -23.73
CA CYS A 174 -0.12 -5.93 -23.76
C CYS A 174 -0.48 -6.57 -25.09
N GLN A 175 -0.26 -7.88 -25.14
CA GLN A 175 -0.54 -8.70 -26.30
C GLN A 175 -1.24 -9.93 -25.76
N GLY A 176 -2.40 -10.26 -26.34
CA GLY A 176 -3.17 -11.40 -25.88
C GLY A 176 -3.86 -12.09 -27.05
N ASP A 177 -4.69 -13.07 -26.71
CA ASP A 177 -5.44 -13.84 -27.67
C ASP A 177 -6.24 -12.91 -28.60
N ILE A 178 -6.85 -11.87 -28.03
CA ILE A 178 -7.82 -11.08 -28.78
C ILE A 178 -7.11 -10.02 -29.62
N GLY A 179 -5.82 -9.75 -29.34
CA GLY A 179 -5.11 -8.73 -30.10
C GLY A 179 -4.10 -8.00 -29.22
N ASN A 180 -3.85 -6.73 -29.54
CA ASN A 180 -2.91 -5.92 -28.79
C ASN A 180 -3.64 -4.72 -28.21
N GLY A 181 -3.19 -4.28 -27.04
CA GLY A 181 -3.70 -3.08 -26.42
C GLY A 181 -2.55 -2.23 -25.87
N SER A 182 -2.73 -0.90 -25.90
CA SER A 182 -1.79 -0.04 -25.24
C SER A 182 -2.52 1.18 -24.70
N VAL A 183 -1.97 1.72 -23.62
CA VAL A 183 -2.47 2.96 -23.05
C VAL A 183 -1.25 3.85 -22.82
N THR A 184 -1.30 5.05 -23.41
CA THR A 184 -0.20 6.00 -23.36
C THR A 184 -0.65 7.19 -22.53
N LEU A 185 0.18 7.55 -21.56
CA LEU A 185 0.03 8.78 -20.78
C LEU A 185 1.15 9.74 -21.15
N ARG A 186 0.81 11.03 -21.30
CA ARG A 186 1.77 12.05 -21.67
C ARG A 186 1.82 13.16 -20.62
N GLN A 187 2.99 13.78 -20.45
CA GLN A 187 3.18 14.91 -19.56
C GLN A 187 2.03 15.88 -19.77
N HIS A 188 1.35 16.25 -18.68
CA HIS A 188 0.13 17.03 -18.80
C HIS A 188 -0.12 17.82 -17.52
N THR A 189 -0.49 19.10 -17.68
CA THR A 189 -0.87 19.93 -16.55
C THR A 189 -2.35 20.30 -16.66
N ASN A 190 -3.08 20.06 -15.56
CA ASN A 190 -4.43 20.55 -15.39
C ASN A 190 -4.40 21.58 -14.27
N VAL A 191 -4.68 22.85 -14.62
CA VAL A 191 -4.52 23.94 -13.69
C VAL A 191 -5.55 23.85 -12.57
N GLU A 192 -6.83 23.63 -12.94
CA GLU A 192 -7.91 23.65 -11.97
C GLU A 192 -7.93 22.37 -11.14
N LYS A 193 -7.58 21.24 -11.77
CA LYS A 193 -7.75 19.92 -11.17
C LYS A 193 -6.41 19.21 -11.19
N PRO A 194 -5.45 19.60 -10.33
CA PRO A 194 -4.07 19.14 -10.43
C PRO A 194 -3.94 17.63 -10.26
N ASN A 195 -4.91 16.98 -9.61
CA ASN A 195 -4.91 15.53 -9.47
C ASN A 195 -5.01 14.84 -10.84
N GLU A 196 -5.48 15.55 -11.88
CA GLU A 196 -5.58 15.01 -13.22
C GLU A 196 -4.32 15.26 -14.05
N SER A 197 -3.35 15.98 -13.48
CA SER A 197 -2.08 16.19 -14.14
C SER A 197 -1.33 14.86 -14.30
N ILE A 198 -0.50 14.77 -15.34
CA ILE A 198 0.43 13.68 -15.51
C ILE A 198 1.83 14.28 -15.43
N GLU A 199 2.58 13.91 -14.40
CA GLU A 199 3.94 14.40 -14.20
C GLU A 199 4.92 13.26 -14.39
N ILE A 200 5.73 13.37 -15.45
CA ILE A 200 6.68 12.34 -15.83
C ILE A 200 8.09 12.89 -15.61
N GLU A 201 8.90 12.15 -14.84
CA GLU A 201 10.29 12.50 -14.63
C GLU A 201 11.13 11.40 -15.29
N LEU A 202 11.82 11.75 -16.37
CA LEU A 202 12.54 10.78 -17.18
C LEU A 202 14.03 11.06 -17.05
N SER A 203 14.75 10.11 -16.47
CA SER A 203 16.19 10.18 -16.38
C SER A 203 16.80 9.42 -17.57
N GLU A 204 16.15 8.32 -17.95
CA GLU A 204 16.72 7.34 -18.84
C GLU A 204 15.57 6.45 -19.36
N PRO A 205 15.43 6.19 -20.67
CA PRO A 205 14.39 5.25 -21.13
C PRO A 205 14.50 3.91 -20.40
N VAL A 206 13.34 3.31 -20.11
CA VAL A 206 13.26 2.06 -19.37
C VAL A 206 12.03 1.30 -19.86
N SER A 207 12.11 -0.04 -19.87
CA SER A 207 10.99 -0.88 -20.26
C SER A 207 11.03 -2.18 -19.46
N LEU A 208 9.91 -2.51 -18.80
CA LEU A 208 9.84 -3.69 -17.94
C LEU A 208 8.43 -4.28 -18.04
N THR A 209 8.33 -5.57 -17.74
CA THR A 209 7.05 -6.28 -17.84
C THR A 209 6.64 -6.78 -16.46
N PHE A 210 5.33 -6.68 -16.19
CA PHE A 210 4.76 -6.98 -14.88
C PHE A 210 3.49 -7.80 -15.03
N SER A 211 3.13 -8.47 -13.93
CA SER A 211 1.86 -9.13 -13.76
C SER A 211 0.76 -8.12 -13.43
N LEU A 212 -0.26 -8.06 -14.28
CA LEU A 212 -1.37 -7.13 -14.08
C LEU A 212 -2.17 -7.48 -12.82
N LYS A 213 -2.28 -8.77 -12.49
CA LYS A 213 -3.04 -9.18 -11.31
C LYS A 213 -2.58 -8.40 -10.08
N TYR A 214 -1.25 -8.26 -9.92
CA TYR A 214 -0.71 -7.63 -8.72
C TYR A 214 -0.91 -6.11 -8.77
N LEU A 215 -0.77 -5.52 -9.97
CA LEU A 215 -1.04 -4.09 -10.12
C LEU A 215 -2.49 -3.80 -9.75
N VAL A 216 -3.42 -4.64 -10.22
CA VAL A 216 -4.82 -4.44 -9.89
C VAL A 216 -5.02 -4.52 -8.36
N ASN A 217 -4.38 -5.50 -7.72
CA ASN A 217 -4.45 -5.63 -6.27
C ASN A 217 -4.00 -4.34 -5.58
N PHE A 218 -2.90 -3.75 -6.06
CA PHE A 218 -2.38 -2.53 -5.49
C PHE A 218 -3.41 -1.40 -5.56
N CYS A 219 -4.25 -1.43 -6.60
CA CYS A 219 -5.21 -0.36 -6.84
C CYS A 219 -6.37 -0.40 -5.85
N LYS A 220 -6.41 -1.41 -4.97
CA LYS A 220 -7.30 -1.40 -3.83
C LYS A 220 -6.92 -0.26 -2.88
N ALA A 221 -5.76 0.36 -3.10
CA ALA A 221 -5.34 1.52 -2.32
C ALA A 221 -5.87 2.83 -2.93
N SER A 222 -6.61 2.76 -4.05
CA SER A 222 -7.00 3.94 -4.79
C SER A 222 -7.72 4.96 -3.92
N ALA A 223 -8.50 4.50 -2.94
CA ALA A 223 -9.29 5.41 -2.11
C ALA A 223 -8.41 6.19 -1.15
N LEU A 224 -7.15 5.79 -0.94
CA LEU A 224 -6.31 6.41 0.06
C LEU A 224 -5.73 7.75 -0.42
N SER A 225 -5.56 7.90 -1.73
CA SER A 225 -4.84 9.02 -2.33
C SER A 225 -5.41 9.31 -3.73
N ASN A 226 -5.55 10.59 -4.10
CA ASN A 226 -6.14 10.93 -5.38
C ASN A 226 -5.12 10.77 -6.52
N THR A 227 -3.84 10.67 -6.16
CA THR A 227 -2.79 10.43 -7.13
C THR A 227 -1.93 9.25 -6.70
N VAL A 228 -1.31 8.61 -7.70
CA VAL A 228 -0.41 7.49 -7.49
C VAL A 228 0.88 7.82 -8.24
N LYS A 229 1.99 7.34 -7.69
CA LYS A 229 3.29 7.51 -8.31
C LYS A 229 3.86 6.14 -8.63
N ILE A 230 4.22 5.94 -9.89
CA ILE A 230 4.82 4.69 -10.36
C ILE A 230 6.27 4.94 -10.77
N CYS A 231 7.18 4.15 -10.21
CA CYS A 231 8.61 4.35 -10.37
C CYS A 231 9.26 3.11 -10.98
N LEU A 232 10.02 3.32 -12.07
CA LEU A 232 10.58 2.24 -12.86
C LEU A 232 12.09 2.38 -13.00
N SER A 233 12.77 1.25 -12.90
CA SER A 233 14.20 1.17 -13.14
C SER A 233 14.54 -0.27 -13.48
N ASN A 234 15.49 -0.45 -14.39
CA ASN A 234 16.01 -1.77 -14.67
C ASN A 234 16.62 -2.34 -13.39
N GLU A 235 16.42 -3.63 -13.14
CA GLU A 235 17.10 -4.29 -12.04
C GLU A 235 16.48 -3.96 -10.67
N VAL A 236 15.40 -3.15 -10.60
CA VAL A 236 14.71 -2.97 -9.33
C VAL A 236 13.23 -3.27 -9.52
N PRO A 237 12.51 -3.62 -8.44
CA PRO A 237 11.05 -3.79 -8.51
C PRO A 237 10.39 -2.48 -8.89
N LEU A 238 9.22 -2.59 -9.51
CA LEU A 238 8.32 -1.46 -9.65
C LEU A 238 7.92 -0.97 -8.28
N LEU A 239 7.92 0.35 -8.10
CA LEU A 239 7.34 0.97 -6.93
C LEU A 239 6.04 1.66 -7.34
N VAL A 240 4.97 1.26 -6.67
CA VAL A 240 3.68 1.92 -6.78
C VAL A 240 3.40 2.56 -5.42
N GLU A 241 3.38 3.90 -5.40
CA GLU A 241 3.40 4.66 -4.18
C GLU A 241 2.12 5.46 -4.01
N TYR A 242 1.45 5.24 -2.87
CA TYR A 242 0.37 6.11 -2.43
C TYR A 242 0.89 6.92 -1.24
N SER A 243 1.37 8.14 -1.50
CA SER A 243 1.78 9.07 -0.45
C SER A 243 0.53 9.64 0.18
N LEU A 244 0.44 9.59 1.51
CA LEU A 244 -0.75 10.03 2.23
C LEU A 244 -0.46 11.40 2.83
N GLY A 245 -1.38 11.90 3.68
CA GLY A 245 -1.14 13.15 4.37
C GLY A 245 0.12 13.12 5.22
N GLY A 246 0.83 14.26 5.24
CA GLY A 246 2.09 14.34 5.95
C GLY A 246 3.10 13.38 5.33
N SER A 247 3.83 12.63 6.17
CA SER A 247 4.88 11.75 5.66
C SER A 247 4.47 10.27 5.78
N SER A 248 3.16 10.01 5.94
CA SER A 248 2.62 8.66 5.90
C SER A 248 2.56 8.17 4.46
N TYR A 249 2.68 6.84 4.28
CA TYR A 249 2.68 6.26 2.95
C TYR A 249 2.15 4.83 2.99
N LEU A 250 1.66 4.39 1.83
CA LEU A 250 1.49 2.98 1.51
C LEU A 250 2.17 2.75 0.17
N ARG A 251 3.14 1.84 0.16
CA ARG A 251 3.95 1.55 -1.01
C ARG A 251 3.92 0.05 -1.31
N PHE A 252 3.89 -0.25 -2.60
CA PHE A 252 3.97 -1.62 -3.09
C PHE A 252 5.17 -1.71 -4.03
N TYR A 253 5.99 -2.75 -3.84
CA TYR A 253 7.11 -3.04 -4.71
C TYR A 253 6.84 -4.35 -5.44
N LEU A 254 6.92 -4.36 -6.77
CA LEU A 254 6.55 -5.55 -7.53
C LEU A 254 7.74 -6.02 -8.35
N ALA A 255 8.12 -7.28 -8.14
CA ALA A 255 9.19 -7.89 -8.92
C ALA A 255 8.76 -7.98 -10.37
N PRO A 256 9.66 -7.70 -11.34
CA PRO A 256 9.30 -7.83 -12.75
C PRO A 256 9.27 -9.28 -13.21
N LYS A 257 8.75 -9.49 -14.42
CA LYS A 257 8.90 -10.74 -15.12
C LYS A 257 10.25 -10.73 -15.80
N ILE A 258 10.89 -11.89 -15.96
CA ILE A 258 12.26 -11.92 -16.46
C ILE A 258 12.39 -13.05 -17.48
N GLN B 3 9.01 -15.36 -17.28
CA GLN B 3 8.65 -15.94 -15.96
C GLN B 3 8.75 -14.83 -14.90
N GLN B 4 8.01 -15.02 -13.82
CA GLN B 4 7.85 -14.03 -12.77
C GLN B 4 8.97 -14.21 -11.74
N ALA B 5 9.70 -13.14 -11.46
CA ALA B 5 10.75 -13.17 -10.44
C ALA B 5 10.11 -13.07 -9.06
N ARG B 6 10.77 -13.66 -8.05
CA ARG B 6 10.38 -13.49 -6.66
C ARG B 6 10.96 -12.17 -6.15
N ILE B 7 10.39 -11.67 -5.05
CA ILE B 7 10.70 -10.35 -4.53
C ILE B 7 12.00 -10.37 -3.72
N GLU B 8 12.29 -11.50 -3.05
CA GLU B 8 13.36 -11.55 -2.05
C GLU B 8 14.69 -11.17 -2.66
N GLY B 9 14.92 -11.60 -3.90
CA GLY B 9 16.18 -11.39 -4.57
C GLY B 9 16.49 -9.91 -4.86
N PHE B 10 15.57 -8.99 -4.52
CA PHE B 10 15.76 -7.58 -4.79
C PHE B 10 16.07 -6.80 -3.50
N PHE B 11 16.03 -7.46 -2.35
CA PHE B 11 16.18 -6.78 -1.07
C PHE B 11 17.06 -7.60 -0.13
N LYS B 12 17.80 -6.92 0.74
CA LYS B 12 18.69 -7.55 1.71
C LYS B 12 17.99 -7.61 3.07
N VAL B 13 18.28 -8.65 3.85
CA VAL B 13 17.73 -8.82 5.19
C VAL B 13 18.45 -7.88 6.14
N ILE B 14 17.68 -7.17 6.96
CA ILE B 14 18.22 -6.45 8.12
C ILE B 14 18.12 -7.37 9.34
NA NA C . -18.78 -1.94 8.27
NA NA D . -1.79 19.04 -21.67
#